data_7DYN
#
_entry.id   7DYN
#
_cell.length_a   50.829
_cell.length_b   82.297
_cell.length_c   109.454
_cell.angle_alpha   90.000
_cell.angle_beta   90.000
_cell.angle_gamma   90.000
#
_symmetry.space_group_name_H-M   'P 21 21 21'
#
loop_
_entity.id
_entity.type
_entity.pdbx_description
1 polymer 'MHC class I antigen'
2 polymer Beta-2-microglobulin
3 polymer ARG-ARG-PHE-SEP-ARG-SEP-PRO-ILE-ARG-ARG
4 water water
#
loop_
_entity_poly.entity_id
_entity_poly.type
_entity_poly.pdbx_seq_one_letter_code
_entity_poly.pdbx_strand_id
1 'polypeptide(L)'
;GSHSMRYFHTSVSRPGRGEPRFITVGYVDDTLFVRFDSDAASPREEPRAPWIEQEGPEYWDRETQICKAKAQTDREDLRT
LLRYYNQSEAGSHTLQNMYGCDVGPDGRLLRGYHQDAYDGKDYIALNEDLSSWTAADTAAQITQRKWEAARVAEQLRAYL
EGECVEWLRRYLENGKETLQRADPPKTHVTHHPISDHEATLRCWALGFYPAEITLTWQRDGEDQTQDTELVETRPAGDRT
FQKWAAVVVPSGEEQRYTCHVQHEGLPKPLTLRWEP
;
A
2 'polypeptide(L)'
;MIQRTPKIQVYSRHPAENGKSNFLNCYVSGFHPSDIEVDLLKNGERIEKVEHSDLSFSKDWSFYLLYYTEFTPTEKDEYA
CRVNHVTLSQPKIVKWDRDM
;
B
3 'polypeptide(L)' RRF(SEP)R(SEP)PIRR C
#
# COMPACT_ATOMS: atom_id res chain seq x y z
N GLY A 1 -15.14 12.83 -7.78
CA GLY A 1 -14.02 13.72 -7.51
C GLY A 1 -12.80 13.46 -8.37
N SER A 2 -11.62 13.59 -7.78
CA SER A 2 -10.38 13.28 -8.47
C SER A 2 -10.05 11.80 -8.35
N HIS A 3 -9.28 11.29 -9.32
CA HIS A 3 -8.97 9.87 -9.39
C HIS A 3 -7.56 9.67 -9.92
N SER A 4 -7.07 8.44 -9.74
CA SER A 4 -5.73 8.08 -10.18
C SER A 4 -5.73 6.63 -10.67
N MET A 5 -4.82 6.35 -11.58
CA MET A 5 -4.50 4.98 -11.98
C MET A 5 -2.99 4.83 -11.84
N ARG A 6 -2.57 3.72 -11.24
CA ARG A 6 -1.17 3.47 -10.94
C ARG A 6 -0.82 2.02 -11.20
N TYR A 7 0.33 1.79 -11.82
CA TYR A 7 0.90 0.45 -11.95
C TYR A 7 2.22 0.40 -11.17
N PHE A 8 2.35 -0.60 -10.30
CA PHE A 8 3.50 -0.81 -9.45
C PHE A 8 4.23 -2.08 -9.89
N HIS A 9 5.55 -2.04 -9.90
CA HIS A 9 6.32 -3.20 -10.31
C HIS A 9 7.49 -3.38 -9.37
N THR A 10 7.75 -4.64 -8.99
CA THR A 10 8.86 -4.98 -8.12
C THR A 10 9.53 -6.23 -8.68
N SER A 11 10.83 -6.15 -8.96
CA SER A 11 11.64 -7.32 -9.26
C SER A 11 12.68 -7.47 -8.16
N VAL A 12 12.85 -8.70 -7.67
CA VAL A 12 13.78 -9.01 -6.58
C VAL A 12 14.65 -10.18 -7.01
N SER A 13 15.95 -9.94 -7.18
CA SER A 13 16.83 -11.05 -7.52
C SER A 13 17.03 -11.96 -6.31
N ARG A 14 17.38 -13.21 -6.60
CA ARG A 14 17.59 -14.22 -5.57
C ARG A 14 18.66 -15.19 -6.07
N PRO A 15 19.92 -14.75 -6.05
CA PRO A 15 20.99 -15.59 -6.59
C PRO A 15 21.00 -16.97 -5.93
N GLY A 16 21.14 -17.99 -6.76
CA GLY A 16 21.11 -19.37 -6.29
C GLY A 16 19.72 -19.96 -6.20
N ARG A 17 18.67 -19.17 -6.41
CA ARG A 17 17.30 -19.64 -6.28
C ARG A 17 16.49 -19.26 -7.51
N GLY A 18 17.09 -19.32 -8.69
CA GLY A 18 16.36 -19.06 -9.91
C GLY A 18 16.41 -17.58 -10.32
N GLU A 19 15.49 -17.23 -11.21
CA GLU A 19 15.44 -15.89 -11.78
C GLU A 19 14.70 -14.95 -10.84
N PRO A 20 14.90 -13.63 -11.00
CA PRO A 20 14.26 -12.67 -10.10
C PRO A 20 12.74 -12.81 -10.11
N ARG A 21 12.15 -12.66 -8.94
CA ARG A 21 10.70 -12.69 -8.84
C ARG A 21 10.14 -11.34 -9.26
N PHE A 22 9.10 -11.38 -10.08
CA PHE A 22 8.47 -10.18 -10.61
C PHE A 22 6.99 -10.17 -10.19
N ILE A 23 6.58 -9.09 -9.51
CA ILE A 23 5.20 -8.88 -9.10
C ILE A 23 4.81 -7.48 -9.52
N THR A 24 3.71 -7.36 -10.27
CA THR A 24 3.17 -6.05 -10.60
C THR A 24 1.68 -6.03 -10.28
N VAL A 25 1.22 -4.89 -9.77
CA VAL A 25 -0.19 -4.72 -9.44
C VAL A 25 -0.63 -3.39 -10.02
N GLY A 26 -1.90 -3.30 -10.38
CA GLY A 26 -2.48 -2.07 -10.91
C GLY A 26 -3.63 -1.64 -10.01
N TYR A 27 -3.74 -0.33 -9.80
CA TYR A 27 -4.75 0.25 -8.93
C TYR A 27 -5.48 1.36 -9.67
N VAL A 28 -6.76 1.50 -9.37
CA VAL A 28 -7.50 2.74 -9.58
C VAL A 28 -7.84 3.25 -8.19
N ASP A 29 -7.38 4.47 -7.86
CA ASP A 29 -7.51 5.01 -6.49
C ASP A 29 -6.96 3.95 -5.54
N ASP A 30 -7.71 3.53 -4.52
CA ASP A 30 -7.24 2.52 -3.58
C ASP A 30 -7.83 1.14 -3.84
N THR A 31 -8.24 0.86 -5.08
CA THR A 31 -8.83 -0.41 -5.47
C THR A 31 -7.87 -1.17 -6.38
N LEU A 32 -7.41 -2.33 -5.90
CA LEU A 32 -6.61 -3.22 -6.73
C LEU A 32 -7.47 -3.82 -7.84
N PHE A 33 -6.98 -3.78 -9.08
CA PHE A 33 -7.79 -4.36 -10.15
C PHE A 33 -7.07 -5.35 -11.04
N VAL A 34 -5.73 -5.33 -11.13
CA VAL A 34 -5.00 -6.37 -11.86
C VAL A 34 -3.73 -6.72 -11.11
N ARG A 35 -3.26 -7.96 -11.32
CA ARG A 35 -2.00 -8.43 -10.77
C ARG A 35 -1.35 -9.41 -11.74
N PHE A 36 -0.03 -9.52 -11.63
CA PHE A 36 0.78 -10.50 -12.34
C PHE A 36 1.91 -10.90 -11.40
N ASP A 37 2.16 -12.20 -11.28
CA ASP A 37 3.20 -12.73 -10.40
C ASP A 37 3.96 -13.80 -11.16
N SER A 38 5.24 -13.57 -11.42
CA SER A 38 6.01 -14.55 -12.19
C SER A 38 6.13 -15.89 -11.47
N ASP A 39 5.90 -15.93 -10.16
CA ASP A 39 5.98 -17.19 -9.44
C ASP A 39 4.67 -17.96 -9.44
N ALA A 40 3.61 -17.43 -10.04
CA ALA A 40 2.37 -18.19 -10.14
C ALA A 40 2.60 -19.42 -11.03
N ALA A 41 1.78 -20.45 -10.81
CA ALA A 41 1.94 -21.69 -11.58
C ALA A 41 1.91 -21.40 -13.08
N SER A 42 0.92 -20.63 -13.53
CA SER A 42 0.77 -20.25 -14.94
C SER A 42 0.61 -18.74 -15.01
N PRO A 43 1.72 -17.99 -15.01
CA PRO A 43 1.61 -16.52 -14.83
C PRO A 43 0.79 -15.86 -15.93
N ARG A 44 -0.25 -15.15 -15.50
CA ARG A 44 -1.04 -14.33 -16.39
C ARG A 44 -1.43 -13.06 -15.64
N GLU A 45 -1.72 -12.00 -16.38
CA GLU A 45 -2.43 -10.89 -15.77
C GLU A 45 -3.81 -11.36 -15.34
N GLU A 46 -4.15 -11.15 -14.07
CA GLU A 46 -5.43 -11.63 -13.54
C GLU A 46 -6.31 -10.48 -13.07
N PRO A 47 -7.62 -10.57 -13.26
CA PRO A 47 -8.53 -9.55 -12.69
C PRO A 47 -8.60 -9.65 -11.18
N ARG A 48 -8.71 -8.49 -10.52
CA ARG A 48 -8.90 -8.43 -9.09
C ARG A 48 -10.07 -7.53 -8.70
N ALA A 49 -10.86 -7.10 -9.67
CA ALA A 49 -12.06 -6.30 -9.43
C ALA A 49 -13.13 -6.71 -10.43
N PRO A 50 -14.40 -6.68 -10.03
CA PRO A 50 -15.46 -7.14 -10.95
C PRO A 50 -15.56 -6.33 -12.23
N TRP A 51 -15.33 -5.01 -12.18
CA TRP A 51 -15.54 -4.15 -13.35
C TRP A 51 -14.46 -4.31 -14.41
N ILE A 52 -13.36 -5.00 -14.12
CA ILE A 52 -12.36 -5.28 -15.14
C ILE A 52 -12.59 -6.64 -15.78
N GLU A 53 -13.39 -7.52 -15.15
CA GLU A 53 -13.61 -8.86 -15.68
C GLU A 53 -14.26 -8.84 -17.05
N GLN A 54 -15.05 -7.82 -17.35
CA GLN A 54 -15.72 -7.75 -18.64
C GLN A 54 -14.75 -7.52 -19.80
N GLU A 55 -13.50 -7.13 -19.54
CA GLU A 55 -12.59 -6.91 -20.65
C GLU A 55 -12.35 -8.24 -21.36
N GLY A 56 -12.21 -8.17 -22.68
CA GLY A 56 -12.18 -9.36 -23.51
C GLY A 56 -10.88 -10.11 -23.40
N PRO A 57 -10.84 -11.29 -24.03
CA PRO A 57 -9.62 -12.12 -23.96
C PRO A 57 -8.42 -11.45 -24.58
N GLU A 58 -8.61 -10.59 -25.58
CA GLU A 58 -7.49 -9.89 -26.19
C GLU A 58 -6.87 -8.88 -25.21
N TYR A 59 -7.70 -8.28 -24.36
CA TYR A 59 -7.17 -7.43 -23.29
C TYR A 59 -6.24 -8.22 -22.38
N TRP A 60 -6.72 -9.36 -21.88
CA TRP A 60 -5.92 -10.15 -20.95
C TRP A 60 -4.66 -10.70 -21.62
N ASP A 61 -4.75 -11.07 -22.90
CA ASP A 61 -3.57 -11.53 -23.60
C ASP A 61 -2.54 -10.41 -23.72
N ARG A 62 -2.99 -9.20 -24.05
CA ARG A 62 -2.09 -8.07 -24.22
C ARG A 62 -1.42 -7.71 -22.90
N GLU A 63 -2.20 -7.56 -21.84
CA GLU A 63 -1.65 -7.18 -20.55
C GLU A 63 -0.68 -8.23 -20.03
N THR A 64 -0.98 -9.51 -20.28
CA THR A 64 -0.05 -10.57 -19.90
C THR A 64 1.26 -10.44 -20.67
N GLN A 65 1.17 -10.20 -21.98
CA GLN A 65 2.36 -9.98 -22.81
C GLN A 65 3.19 -8.82 -22.30
N ILE A 66 2.54 -7.71 -21.95
CA ILE A 66 3.27 -6.52 -21.48
C ILE A 66 4.00 -6.83 -20.18
N CYS A 67 3.32 -7.49 -19.24
CA CYS A 67 3.93 -7.81 -17.96
C CYS A 67 5.11 -8.77 -18.10
N LYS A 68 4.94 -9.82 -18.91
CA LYS A 68 6.07 -10.73 -19.15
C LYS A 68 7.26 -9.97 -19.73
N ALA A 69 7.01 -9.09 -20.71
CA ALA A 69 8.08 -8.30 -21.30
C ALA A 69 8.76 -7.42 -20.27
N LYS A 70 7.98 -6.83 -19.35
CA LYS A 70 8.56 -6.00 -18.30
C LYS A 70 9.40 -6.84 -17.33
N ALA A 71 8.92 -8.05 -16.99
CA ALA A 71 9.72 -8.96 -16.20
C ALA A 71 11.07 -9.25 -16.86
N GLN A 72 11.07 -9.54 -18.15
CA GLN A 72 12.33 -9.74 -18.86
C GLN A 72 13.23 -8.52 -18.83
N THR A 73 12.70 -7.34 -19.18
CA THR A 73 13.55 -6.14 -19.18
C THR A 73 14.10 -5.84 -17.78
N ASP A 74 13.28 -6.02 -16.74
CA ASP A 74 13.77 -5.87 -15.36
C ASP A 74 14.95 -6.81 -15.09
N ARG A 75 14.89 -8.04 -15.59
CA ARG A 75 15.95 -8.98 -15.32
C ARG A 75 17.28 -8.55 -15.95
N GLU A 76 17.24 -8.05 -17.18
CA GLU A 76 18.52 -7.57 -17.70
C GLU A 76 18.92 -6.25 -17.06
N ASP A 77 17.94 -5.43 -16.66
CA ASP A 77 18.27 -4.20 -15.94
C ASP A 77 18.99 -4.50 -14.62
N LEU A 78 18.54 -5.53 -13.88
CA LEU A 78 19.21 -5.89 -12.63
C LEU A 78 20.65 -6.31 -12.88
N ARG A 79 20.92 -6.99 -14.00
CA ARG A 79 22.30 -7.30 -14.35
C ARG A 79 23.07 -6.03 -14.69
N THR A 80 22.45 -5.12 -15.44
CA THR A 80 23.09 -3.85 -15.75
C THR A 80 23.44 -3.07 -14.49
N LEU A 81 22.51 -3.00 -13.53
CA LEU A 81 22.72 -2.16 -12.36
C LEU A 81 23.83 -2.69 -11.45
N LEU A 82 24.03 -4.02 -11.41
CA LEU A 82 25.23 -4.56 -10.77
C LEU A 82 26.49 -3.93 -11.35
N ARG A 83 26.52 -3.76 -12.67
CA ARG A 83 27.69 -3.12 -13.27
C ARG A 83 27.76 -1.64 -12.87
N TYR A 84 26.65 -0.92 -12.97
CA TYR A 84 26.65 0.52 -12.68
C TYR A 84 27.18 0.80 -11.27
N TYR A 85 26.86 -0.07 -10.31
CA TYR A 85 27.20 0.14 -8.90
C TYR A 85 28.37 -0.72 -8.43
N ASN A 86 29.07 -1.40 -9.35
CA ASN A 86 30.25 -2.21 -9.03
C ASN A 86 29.94 -3.22 -7.93
N GLN A 87 28.82 -3.92 -8.08
CA GLN A 87 28.34 -4.83 -7.06
C GLN A 87 28.58 -6.28 -7.47
N SER A 88 28.83 -7.12 -6.46
CA SER A 88 29.01 -8.54 -6.70
C SER A 88 27.70 -9.20 -7.12
N GLU A 89 27.81 -10.37 -7.71
CA GLU A 89 26.63 -11.14 -8.09
C GLU A 89 26.04 -11.93 -6.93
N ALA A 90 26.58 -11.81 -5.72
CA ALA A 90 26.17 -12.69 -4.62
C ALA A 90 24.88 -12.27 -3.96
N GLY A 91 24.54 -10.97 -3.96
CA GLY A 91 23.47 -10.47 -3.15
C GLY A 91 22.15 -10.28 -3.88
N SER A 92 21.08 -10.18 -3.10
CA SER A 92 19.76 -9.91 -3.63
C SER A 92 19.58 -8.41 -3.78
N HIS A 93 19.00 -7.99 -4.93
CA HIS A 93 18.74 -6.58 -5.19
C HIS A 93 17.32 -6.38 -5.71
N THR A 94 16.84 -5.14 -5.59
CA THR A 94 15.44 -4.79 -5.85
C THR A 94 15.36 -3.67 -6.88
N LEU A 95 14.49 -3.83 -7.86
CA LEU A 95 14.13 -2.76 -8.77
C LEU A 95 12.63 -2.51 -8.66
N GLN A 96 12.24 -1.27 -8.39
CA GLN A 96 10.84 -0.87 -8.28
C GLN A 96 10.53 0.21 -9.29
N ASN A 97 9.33 0.15 -9.86
CA ASN A 97 8.87 1.16 -10.79
C ASN A 97 7.39 1.41 -10.52
N MET A 98 7.01 2.69 -10.58
CA MET A 98 5.62 3.11 -10.51
C MET A 98 5.39 4.09 -11.66
N TYR A 99 4.25 3.97 -12.32
CA TYR A 99 3.83 5.00 -13.29
C TYR A 99 2.32 5.11 -13.25
N GLY A 100 1.81 6.22 -13.77
CA GLY A 100 0.37 6.37 -13.87
C GLY A 100 -0.03 7.82 -13.99
N CYS A 101 -1.32 8.06 -13.79
CA CYS A 101 -1.87 9.40 -14.04
C CYS A 101 -2.91 9.75 -12.99
N ASP A 102 -3.00 11.05 -12.68
CA ASP A 102 -4.06 11.64 -11.85
C ASP A 102 -4.96 12.48 -12.75
N VAL A 103 -6.26 12.39 -12.54
CA VAL A 103 -7.25 13.16 -13.29
C VAL A 103 -8.18 13.86 -12.32
N GLY A 104 -8.67 15.02 -12.74
CA GLY A 104 -9.56 15.81 -11.93
C GLY A 104 -11.00 15.38 -12.11
N PRO A 105 -11.93 16.03 -11.40
CA PRO A 105 -13.35 15.66 -11.52
C PRO A 105 -13.88 15.66 -12.94
N ASP A 106 -13.29 16.46 -13.83
CA ASP A 106 -13.71 16.52 -15.23
C ASP A 106 -12.98 15.51 -16.10
N GLY A 107 -12.19 14.62 -15.51
CA GLY A 107 -11.45 13.65 -16.28
C GLY A 107 -10.20 14.17 -16.95
N ARG A 108 -9.85 15.44 -16.75
CA ARG A 108 -8.66 16.01 -17.38
C ARG A 108 -7.39 15.62 -16.62
N LEU A 109 -6.31 15.42 -17.37
CA LEU A 109 -5.02 15.08 -16.78
C LEU A 109 -4.59 16.13 -15.76
N LEU A 110 -4.40 15.69 -14.51
CA LEU A 110 -3.80 16.56 -13.50
C LEU A 110 -2.28 16.48 -13.54
N ARG A 111 -1.73 15.26 -13.54
CA ARG A 111 -0.31 15.07 -13.75
C ARG A 111 -0.06 13.58 -13.93
N GLY A 112 1.12 13.25 -14.48
CA GLY A 112 1.53 11.88 -14.67
C GLY A 112 2.77 11.56 -13.86
N TYR A 113 3.11 10.27 -13.79
CA TYR A 113 4.29 9.82 -13.07
C TYR A 113 4.97 8.68 -13.81
N HIS A 114 6.28 8.57 -13.62
CA HIS A 114 7.04 7.39 -14.01
C HIS A 114 8.39 7.50 -13.29
N GLN A 115 8.59 6.67 -12.26
CA GLN A 115 9.77 6.81 -11.42
C GLN A 115 10.21 5.45 -10.90
N ASP A 116 11.51 5.33 -10.66
CA ASP A 116 12.20 4.08 -10.36
C ASP A 116 12.93 4.17 -9.02
N ALA A 117 13.15 3.01 -8.40
CA ALA A 117 14.03 2.91 -7.25
C ALA A 117 14.85 1.64 -7.36
N TYR A 118 16.11 1.73 -6.95
CA TYR A 118 16.99 0.57 -6.89
C TYR A 118 17.38 0.35 -5.44
N ASP A 119 17.13 -0.86 -4.93
CA ASP A 119 17.43 -1.21 -3.54
C ASP A 119 16.79 -0.19 -2.59
N GLY A 120 15.56 0.19 -2.89
CA GLY A 120 14.79 1.06 -2.02
C GLY A 120 15.18 2.53 -2.08
N LYS A 121 16.09 2.94 -2.95
CA LYS A 121 16.48 4.34 -3.06
C LYS A 121 16.08 4.89 -4.42
N ASP A 122 15.63 6.15 -4.45
CA ASP A 122 15.26 6.77 -5.70
C ASP A 122 16.39 6.61 -6.72
N TYR A 123 16.02 6.24 -7.95
CA TYR A 123 16.98 5.98 -9.01
C TYR A 123 16.80 7.04 -10.10
N ILE A 124 15.71 6.98 -10.84
CA ILE A 124 15.46 8.01 -11.85
C ILE A 124 13.95 8.23 -11.91
N ALA A 125 13.57 9.50 -12.12
CA ALA A 125 12.18 9.93 -12.08
C ALA A 125 11.90 10.84 -13.28
N LEU A 126 10.82 10.56 -13.98
CA LEU A 126 10.30 11.52 -14.96
C LEU A 126 9.76 12.74 -14.23
N ASN A 127 10.17 13.93 -14.65
CA ASN A 127 9.70 15.13 -13.97
C ASN A 127 8.24 15.43 -14.35
N GLU A 128 7.62 16.34 -13.60
CA GLU A 128 6.21 16.66 -13.83
C GLU A 128 5.96 17.17 -15.24
N ASP A 129 6.96 17.83 -15.86
CA ASP A 129 6.81 18.30 -17.24
C ASP A 129 6.65 17.16 -18.24
N LEU A 130 6.78 15.90 -17.79
CA LEU A 130 6.73 14.72 -18.68
C LEU A 130 7.71 14.85 -19.84
N SER A 131 8.79 15.60 -19.65
CA SER A 131 9.75 15.75 -20.73
C SER A 131 11.21 15.68 -20.30
N SER A 132 11.54 15.82 -19.01
CA SER A 132 12.91 15.77 -18.53
C SER A 132 12.99 14.85 -17.31
N TRP A 133 14.21 14.52 -16.90
CA TRP A 133 14.46 13.48 -15.90
C TRP A 133 15.24 14.02 -14.71
N THR A 134 15.01 13.41 -13.55
CA THR A 134 15.82 13.64 -12.36
C THR A 134 16.51 12.32 -12.01
N ALA A 135 17.83 12.28 -12.16
CA ALA A 135 18.62 11.09 -11.85
C ALA A 135 19.26 11.28 -10.47
N ALA A 136 19.20 10.24 -9.64
CA ALA A 136 19.66 10.40 -8.26
C ALA A 136 21.17 10.40 -8.11
N ASP A 137 21.92 9.83 -9.06
CA ASP A 137 23.36 9.63 -8.89
C ASP A 137 23.97 9.41 -10.26
N THR A 138 25.29 9.20 -10.29
CA THR A 138 25.99 9.06 -11.57
C THR A 138 25.63 7.77 -12.30
N ALA A 139 25.16 6.75 -11.57
CA ALA A 139 24.67 5.56 -12.23
C ALA A 139 23.36 5.84 -12.96
N ALA A 140 22.39 6.43 -12.26
CA ALA A 140 21.14 6.81 -12.90
C ALA A 140 21.37 7.78 -14.05
N GLN A 141 22.42 8.60 -13.98
CA GLN A 141 22.71 9.48 -15.10
C GLN A 141 23.00 8.70 -16.38
N ILE A 142 23.55 7.49 -16.27
CA ILE A 142 23.77 6.68 -17.47
C ILE A 142 22.45 6.25 -18.06
N THR A 143 21.50 5.82 -17.22
CA THR A 143 20.16 5.55 -17.72
C THR A 143 19.56 6.80 -18.36
N GLN A 144 19.73 7.96 -17.72
CA GLN A 144 19.15 9.19 -18.27
C GLN A 144 19.68 9.46 -19.68
N ARG A 145 21.01 9.37 -19.84
CA ARG A 145 21.61 9.55 -21.15
C ARG A 145 21.03 8.61 -22.20
N LYS A 146 20.87 7.32 -21.84
CA LYS A 146 20.26 6.37 -22.76
C LYS A 146 18.81 6.74 -23.06
N TRP A 147 18.05 7.12 -22.03
CA TRP A 147 16.64 7.42 -22.24
C TRP A 147 16.43 8.74 -22.95
N GLU A 148 17.34 9.71 -22.77
CA GLU A 148 17.27 10.92 -23.59
C GLU A 148 17.56 10.58 -25.04
N ALA A 149 18.58 9.75 -25.29
CA ALA A 149 18.91 9.32 -26.65
C ALA A 149 17.70 8.71 -27.34
N ALA A 150 17.01 7.80 -26.67
CA ALA A 150 15.89 7.07 -27.26
C ALA A 150 14.56 7.80 -27.16
N ARG A 151 14.57 9.05 -26.66
CA ARG A 151 13.35 9.85 -26.48
C ARG A 151 12.27 9.05 -25.73
N VAL A 152 12.65 8.47 -24.59
CA VAL A 152 11.71 7.71 -23.79
C VAL A 152 10.63 8.61 -23.22
N ALA A 153 11.02 9.81 -22.75
CA ALA A 153 10.05 10.69 -22.12
C ALA A 153 8.90 11.02 -23.06
N GLU A 154 9.20 11.18 -24.35
CA GLU A 154 8.15 11.49 -25.32
C GLU A 154 7.17 10.34 -25.46
N GLN A 155 7.67 9.10 -25.43
CA GLN A 155 6.78 7.94 -25.44
C GLN A 155 5.89 7.93 -24.20
N LEU A 156 6.50 8.16 -23.03
CA LEU A 156 5.75 8.19 -21.79
C LEU A 156 4.73 9.29 -21.78
N ARG A 157 5.09 10.49 -22.26
CA ARG A 157 4.15 11.60 -22.26
C ARG A 157 2.91 11.25 -23.06
N ALA A 158 3.09 10.63 -24.22
CA ALA A 158 1.97 10.26 -25.07
C ALA A 158 1.05 9.31 -24.36
N TYR A 159 1.63 8.29 -23.72
CA TYR A 159 0.84 7.34 -22.95
C TYR A 159 0.11 8.03 -21.80
N LEU A 160 0.84 8.84 -21.03
CA LEU A 160 0.27 9.41 -19.80
C LEU A 160 -0.85 10.39 -20.13
N GLU A 161 -0.69 11.15 -21.22
CA GLU A 161 -1.75 12.06 -21.65
C GLU A 161 -2.81 11.33 -22.47
N GLY A 162 -2.50 10.17 -23.00
CA GLY A 162 -3.39 9.45 -23.90
C GLY A 162 -4.05 8.25 -23.26
N GLU A 163 -3.49 7.06 -23.46
CA GLU A 163 -4.17 5.84 -23.01
C GLU A 163 -4.43 5.84 -21.51
N CYS A 164 -3.47 6.33 -20.71
CA CYS A 164 -3.66 6.29 -19.26
C CYS A 164 -4.93 7.03 -18.87
N VAL A 165 -5.12 8.24 -19.39
CA VAL A 165 -6.32 9.02 -19.06
C VAL A 165 -7.57 8.38 -19.65
N GLU A 166 -7.50 7.93 -20.91
CA GLU A 166 -8.67 7.36 -21.59
C GLU A 166 -9.12 6.07 -20.92
N TRP A 167 -8.20 5.18 -20.57
CA TRP A 167 -8.65 3.93 -19.95
C TRP A 167 -9.03 4.13 -18.48
N LEU A 168 -8.39 5.06 -17.77
CA LEU A 168 -8.89 5.37 -16.42
C LEU A 168 -10.34 5.85 -16.51
N ARG A 169 -10.63 6.72 -17.48
CA ARG A 169 -12.00 7.18 -17.73
C ARG A 169 -12.94 6.02 -17.96
N ARG A 170 -12.53 5.10 -18.83
CA ARG A 170 -13.33 3.90 -19.11
C ARG A 170 -13.56 3.07 -17.85
N TYR A 171 -12.50 2.84 -17.07
CA TYR A 171 -12.63 2.05 -15.85
C TYR A 171 -13.55 2.75 -14.84
N LEU A 172 -13.44 4.08 -14.75
CA LEU A 172 -14.28 4.81 -13.79
C LEU A 172 -15.76 4.66 -14.12
N GLU A 173 -16.10 4.63 -15.41
CA GLU A 173 -17.49 4.43 -15.81
C GLU A 173 -17.94 3.00 -15.56
N ASN A 174 -17.11 2.01 -15.94
CA ASN A 174 -17.50 0.62 -15.79
C ASN A 174 -17.58 0.19 -14.33
N GLY A 175 -16.81 0.82 -13.45
CA GLY A 175 -16.92 0.50 -12.03
C GLY A 175 -17.47 1.65 -11.22
N LYS A 176 -18.39 2.42 -11.80
CA LYS A 176 -18.87 3.61 -11.10
C LYS A 176 -19.60 3.26 -9.81
N GLU A 177 -20.17 2.05 -9.70
CA GLU A 177 -20.83 1.67 -8.48
C GLU A 177 -19.90 1.80 -7.28
N THR A 178 -18.63 1.43 -7.44
CA THR A 178 -17.65 1.39 -6.36
C THR A 178 -16.59 2.48 -6.49
N LEU A 179 -16.02 2.65 -7.69
CA LEU A 179 -14.94 3.60 -7.84
C LEU A 179 -15.41 5.02 -7.57
N GLN A 180 -16.69 5.30 -7.82
CA GLN A 180 -17.22 6.64 -7.63
C GLN A 180 -18.13 6.74 -6.40
N ARG A 181 -17.89 5.90 -5.41
CA ARG A 181 -18.60 5.96 -4.14
C ARG A 181 -17.57 6.08 -3.03
N ALA A 182 -17.76 7.07 -2.16
CA ALA A 182 -16.96 7.21 -0.96
C ALA A 182 -17.75 6.66 0.21
N ASP A 183 -17.12 5.79 1.01
CA ASP A 183 -17.73 5.27 2.23
C ASP A 183 -17.19 6.07 3.41
N PRO A 184 -18.03 6.84 4.11
CA PRO A 184 -17.53 7.68 5.20
C PRO A 184 -17.09 6.82 6.38
N PRO A 185 -16.22 7.34 7.24
CA PRO A 185 -15.79 6.57 8.40
C PRO A 185 -16.92 6.45 9.42
N LYS A 186 -17.05 5.26 10.00
CA LYS A 186 -17.82 5.07 11.22
C LYS A 186 -16.90 5.37 12.39
N THR A 187 -17.32 6.29 13.27
CA THR A 187 -16.40 6.85 14.24
C THR A 187 -16.97 6.71 15.65
N HIS A 188 -16.06 6.48 16.61
CA HIS A 188 -16.40 6.45 18.03
C HIS A 188 -15.13 6.65 18.85
N VAL A 189 -15.31 6.97 20.13
CA VAL A 189 -14.21 7.21 21.05
C VAL A 189 -14.29 6.20 22.18
N THR A 190 -13.16 5.58 22.51
CA THR A 190 -13.07 4.65 23.61
C THR A 190 -12.09 5.18 24.66
N HIS A 191 -12.20 4.62 25.86
CA HIS A 191 -11.58 5.15 27.08
C HIS A 191 -10.95 3.98 27.80
N HIS A 192 -9.65 4.06 28.03
CA HIS A 192 -8.90 2.96 28.63
C HIS A 192 -8.05 3.51 29.77
N PRO A 193 -8.48 3.35 31.03
CA PRO A 193 -7.67 3.81 32.15
C PRO A 193 -6.27 3.21 32.11
N ILE A 194 -5.27 4.04 32.38
CA ILE A 194 -3.88 3.60 32.51
C ILE A 194 -3.50 3.41 33.97
N SER A 195 -3.93 4.33 34.81
CA SER A 195 -3.56 4.38 36.21
C SER A 195 -4.63 5.21 36.91
N ASP A 196 -4.42 5.48 38.20
CA ASP A 196 -5.32 6.39 38.90
C ASP A 196 -5.31 7.79 38.30
N HIS A 197 -4.26 8.14 37.55
CA HIS A 197 -4.05 9.52 37.13
C HIS A 197 -4.33 9.78 35.66
N GLU A 198 -4.45 8.74 34.85
CA GLU A 198 -4.46 8.92 33.40
C GLU A 198 -5.31 7.84 32.76
N ALA A 199 -5.86 8.18 31.59
CA ALA A 199 -6.54 7.20 30.74
C ALA A 199 -6.24 7.55 29.29
N THR A 200 -6.39 6.55 28.43
CA THR A 200 -6.23 6.73 26.99
C THR A 200 -7.59 6.96 26.35
N LEU A 201 -7.71 8.06 25.62
CA LEU A 201 -8.84 8.28 24.72
C LEU A 201 -8.38 7.88 23.34
N ARG A 202 -9.12 6.98 22.70
CA ARG A 202 -8.76 6.48 21.38
C ARG A 202 -9.90 6.79 20.44
N CYS A 203 -9.61 7.57 19.41
CA CYS A 203 -10.61 7.96 18.43
C CYS A 203 -10.49 7.03 17.24
N TRP A 204 -11.59 6.36 16.88
CA TRP A 204 -11.61 5.32 15.88
C TRP A 204 -12.30 5.80 14.61
N ALA A 205 -11.73 5.44 13.45
CA ALA A 205 -12.39 5.58 12.16
C ALA A 205 -12.38 4.23 11.48
N LEU A 206 -13.55 3.71 11.13
CA LEU A 206 -13.66 2.37 10.58
C LEU A 206 -14.53 2.36 9.33
N GLY A 207 -14.23 1.43 8.43
CA GLY A 207 -15.07 1.17 7.28
C GLY A 207 -15.06 2.22 6.20
N PHE A 208 -14.00 3.00 6.07
CA PHE A 208 -14.04 4.10 5.12
C PHE A 208 -13.29 3.79 3.83
N TYR A 209 -13.63 4.54 2.79
CA TYR A 209 -13.04 4.39 1.48
C TYR A 209 -13.28 5.73 0.80
N PRO A 210 -12.25 6.35 0.19
CA PRO A 210 -10.87 5.86 0.02
C PRO A 210 -10.03 5.98 1.29
N ALA A 211 -8.73 5.61 1.21
CA ALA A 211 -7.90 5.52 2.40
C ALA A 211 -7.60 6.88 3.01
N GLU A 212 -7.52 7.93 2.19
CA GLU A 212 -7.14 9.24 2.68
C GLU A 212 -8.12 9.70 3.76
N ILE A 213 -7.58 10.17 4.89
CA ILE A 213 -8.41 10.59 6.02
C ILE A 213 -7.54 11.46 6.91
N THR A 214 -8.18 12.34 7.68
CA THR A 214 -7.50 13.15 8.69
C THR A 214 -8.17 12.91 10.03
N LEU A 215 -7.39 12.45 11.00
CA LEU A 215 -7.83 12.17 12.37
C LEU A 215 -6.93 12.92 13.33
N THR A 216 -7.50 13.83 14.12
CA THR A 216 -6.67 14.57 15.05
C THR A 216 -7.42 14.77 16.37
N TRP A 217 -6.65 14.99 17.43
CA TRP A 217 -7.16 15.35 18.74
C TRP A 217 -6.81 16.80 19.03
N GLN A 218 -7.76 17.53 19.60
CA GLN A 218 -7.50 18.85 20.15
C GLN A 218 -7.75 18.82 21.65
N ARG A 219 -6.98 19.64 22.38
CA ARG A 219 -7.21 19.85 23.81
C ARG A 219 -7.37 21.35 24.03
N ASP A 220 -8.53 21.75 24.56
CA ASP A 220 -8.89 23.16 24.67
C ASP A 220 -8.79 23.88 23.32
N GLY A 221 -9.09 23.16 22.23
CA GLY A 221 -9.00 23.72 20.89
C GLY A 221 -7.61 23.78 20.30
N GLU A 222 -6.61 23.27 21.01
CA GLU A 222 -5.23 23.27 20.55
C GLU A 222 -4.88 21.90 20.00
N ASP A 223 -4.29 21.87 18.80
CA ASP A 223 -3.83 20.61 18.21
C ASP A 223 -2.86 19.90 19.14
N GLN A 224 -3.04 18.59 19.27
CA GLN A 224 -2.21 17.75 20.12
C GLN A 224 -1.28 16.88 19.29
N THR A 225 -0.74 17.46 18.22
CA THR A 225 0.06 16.71 17.26
C THR A 225 1.20 15.96 17.93
N GLN A 226 1.93 16.63 18.83
CA GLN A 226 3.10 15.98 19.42
C GLN A 226 2.73 14.86 20.38
N ASP A 227 1.55 14.94 21.00
CA ASP A 227 1.17 13.98 22.02
C ASP A 227 0.17 12.95 21.53
N THR A 228 -0.19 12.98 20.26
CA THR A 228 -1.14 12.04 19.69
C THR A 228 -0.41 10.86 19.08
N GLU A 229 -0.81 9.65 19.46
CA GLU A 229 -0.33 8.45 18.81
C GLU A 229 -1.26 8.13 17.65
N LEU A 230 -0.73 8.13 16.44
CA LEU A 230 -1.50 8.01 15.20
C LEU A 230 -1.01 6.79 14.45
N VAL A 231 -1.83 5.73 14.36
CA VAL A 231 -1.37 4.54 13.64
C VAL A 231 -1.54 4.76 12.13
N GLU A 232 -0.75 4.02 11.36
CA GLU A 232 -0.89 4.04 9.91
C GLU A 232 -2.28 3.55 9.52
N THR A 233 -2.84 4.20 8.49
CA THR A 233 -4.10 3.74 7.93
C THR A 233 -3.92 2.32 7.40
N ARG A 234 -4.86 1.45 7.73
CA ARG A 234 -4.65 0.03 7.49
C ARG A 234 -5.84 -0.56 6.76
N PRO A 235 -5.60 -1.56 5.90
CA PRO A 235 -6.71 -2.17 5.16
C PRO A 235 -7.48 -3.17 6.02
N ALA A 236 -8.81 -3.13 5.91
CA ALA A 236 -9.63 -4.08 6.64
C ALA A 236 -9.73 -5.42 5.92
N GLY A 237 -9.45 -5.43 4.62
CA GLY A 237 -9.52 -6.62 3.79
C GLY A 237 -10.76 -6.72 2.93
N ASP A 238 -11.73 -5.79 3.08
CA ASP A 238 -13.02 -5.79 2.41
C ASP A 238 -13.23 -4.53 1.56
N ARG A 239 -12.13 -3.97 1.04
CA ARG A 239 -12.02 -2.70 0.32
C ARG A 239 -11.88 -1.50 1.26
N THR A 240 -12.35 -1.57 2.51
CA THR A 240 -12.31 -0.38 3.36
C THR A 240 -11.04 -0.32 4.21
N PHE A 241 -10.88 0.81 4.90
CA PHE A 241 -9.70 1.10 5.70
C PHE A 241 -10.10 1.47 7.12
N GLN A 242 -9.09 1.45 8.00
CA GLN A 242 -9.23 1.74 9.42
C GLN A 242 -8.11 2.68 9.87
N LYS A 243 -8.38 3.46 10.90
CA LYS A 243 -7.34 4.27 11.53
C LYS A 243 -7.78 4.66 12.93
N TRP A 244 -6.84 4.81 13.84
CA TRP A 244 -7.17 5.44 15.12
C TRP A 244 -6.08 6.42 15.53
N ALA A 245 -6.47 7.33 16.43
CA ALA A 245 -5.61 8.31 17.06
C ALA A 245 -5.89 8.28 18.55
N ALA A 246 -4.83 8.29 19.36
CA ALA A 246 -4.98 8.15 20.80
C ALA A 246 -4.18 9.22 21.54
N VAL A 247 -4.76 9.75 22.60
CA VAL A 247 -4.06 10.65 23.52
C VAL A 247 -4.19 10.12 24.93
N VAL A 248 -3.18 10.40 25.74
CA VAL A 248 -3.21 10.10 27.16
C VAL A 248 -3.70 11.33 27.91
N VAL A 249 -4.74 11.15 28.72
CA VAL A 249 -5.56 12.23 29.23
C VAL A 249 -5.53 12.16 30.75
N PRO A 250 -5.27 13.25 31.45
CA PRO A 250 -5.39 13.24 32.92
C PRO A 250 -6.82 12.96 33.34
N SER A 251 -6.99 12.20 34.41
CA SER A 251 -8.32 11.79 34.82
C SER A 251 -9.16 13.02 35.15
N GLY A 252 -10.40 13.01 34.70
CA GLY A 252 -11.29 14.13 34.88
C GLY A 252 -11.19 15.22 33.83
N GLU A 253 -10.22 15.15 32.92
CA GLU A 253 -10.08 16.16 31.88
C GLU A 253 -10.63 15.70 30.52
N GLU A 254 -11.34 14.57 30.48
CA GLU A 254 -11.76 13.98 29.21
C GLU A 254 -12.53 14.97 28.35
N GLN A 255 -13.38 15.80 28.95
CA GLN A 255 -14.23 16.65 28.12
C GLN A 255 -13.48 17.82 27.50
N ARG A 256 -12.22 18.03 27.84
CA ARG A 256 -11.43 19.07 27.18
C ARG A 256 -10.88 18.60 25.85
N TYR A 257 -11.04 17.32 25.52
CA TYR A 257 -10.45 16.72 24.34
C TYR A 257 -11.52 16.48 23.30
N THR A 258 -11.22 16.81 22.05
CA THR A 258 -12.14 16.59 20.96
C THR A 258 -11.40 15.97 19.79
N CYS A 259 -12.03 14.98 19.17
CA CYS A 259 -11.46 14.31 18.02
C CYS A 259 -12.10 14.90 16.77
N HIS A 260 -11.28 15.11 15.75
CA HIS A 260 -11.73 15.77 14.52
C HIS A 260 -11.46 14.86 13.34
N VAL A 261 -12.47 14.64 12.52
CA VAL A 261 -12.41 13.69 11.40
C VAL A 261 -12.76 14.41 10.12
N GLN A 262 -11.86 14.38 9.15
CA GLN A 262 -12.15 14.81 7.78
C GLN A 262 -12.00 13.61 6.87
N HIS A 263 -12.95 13.45 5.96
CA HIS A 263 -12.91 12.38 4.97
C HIS A 263 -13.83 12.79 3.84
N GLU A 264 -13.46 12.41 2.61
CA GLU A 264 -14.25 12.87 1.48
C GLU A 264 -15.65 12.28 1.47
N GLY A 265 -15.90 11.21 2.24
CA GLY A 265 -17.24 10.70 2.42
C GLY A 265 -18.09 11.51 3.40
N LEU A 266 -17.50 12.50 4.07
CA LEU A 266 -18.23 13.31 5.03
C LEU A 266 -18.54 14.67 4.43
N PRO A 267 -19.82 15.07 4.35
CA PRO A 267 -20.13 16.43 3.88
C PRO A 267 -19.45 17.52 4.68
N LYS A 268 -19.44 17.39 6.01
CA LYS A 268 -18.79 18.35 6.90
C LYS A 268 -17.87 17.60 7.85
N PRO A 269 -16.74 18.20 8.23
CA PRO A 269 -15.84 17.53 9.18
C PRO A 269 -16.58 17.27 10.49
N LEU A 270 -16.25 16.15 11.13
CA LEU A 270 -16.92 15.72 12.35
C LEU A 270 -16.11 16.12 13.57
N THR A 271 -16.82 16.29 14.67
CA THR A 271 -16.22 16.47 15.99
C THR A 271 -16.86 15.44 16.90
N LEU A 272 -16.04 14.71 17.67
CA LEU A 272 -16.62 13.81 18.64
C LEU A 272 -15.82 13.85 19.93
N ARG A 273 -16.48 13.39 21.00
CA ARG A 273 -15.94 13.40 22.34
C ARG A 273 -16.17 12.05 22.97
N TRP A 274 -15.42 11.79 24.03
CA TRP A 274 -15.72 10.64 24.90
C TRP A 274 -17.13 10.81 25.49
N GLU A 275 -17.96 9.79 25.32
CA GLU A 275 -19.33 9.80 25.80
C GLU A 275 -19.51 8.72 26.86
N PRO A 276 -19.40 9.05 28.15
CA PRO A 276 -19.41 8.01 29.18
C PRO A 276 -20.76 7.29 29.26
N ILE B 2 19.69 1.69 4.01
CA ILE B 2 19.78 0.47 3.23
C ILE B 2 18.75 -0.57 3.70
N GLN B 3 18.26 -0.46 4.94
CA GLN B 3 17.23 -1.38 5.45
C GLN B 3 16.26 -0.63 6.35
N ARG B 4 15.00 -1.06 6.30
CA ARG B 4 13.93 -0.43 7.07
C ARG B 4 13.08 -1.49 7.74
N THR B 5 12.89 -1.36 9.05
CA THR B 5 12.26 -2.43 9.81
C THR B 5 10.73 -2.30 9.71
N PRO B 6 9.99 -3.41 9.66
CA PRO B 6 8.55 -3.31 9.44
C PRO B 6 7.81 -2.74 10.64
N LYS B 7 6.80 -1.93 10.34
CA LYS B 7 5.73 -1.65 11.28
C LYS B 7 4.72 -2.81 11.23
N ILE B 8 4.09 -3.09 12.37
CA ILE B 8 3.23 -4.26 12.53
C ILE B 8 1.94 -3.85 13.24
N GLN B 9 0.81 -4.18 12.64
CA GLN B 9 -0.49 -3.99 13.29
C GLN B 9 -1.29 -5.28 13.17
N VAL B 10 -1.86 -5.71 14.30
CA VAL B 10 -2.69 -6.91 14.39
C VAL B 10 -4.07 -6.47 14.84
N TYR B 11 -5.10 -6.86 14.09
CA TYR B 11 -6.43 -6.32 14.29
C TYR B 11 -7.43 -7.15 13.50
N SER B 12 -8.69 -6.98 13.84
CA SER B 12 -9.77 -7.70 13.18
C SER B 12 -10.43 -6.81 12.13
N ARG B 13 -11.03 -7.45 11.12
CA ARG B 13 -11.71 -6.73 10.05
C ARG B 13 -12.95 -5.99 10.55
N HIS B 14 -13.76 -6.67 11.37
CA HIS B 14 -15.01 -6.22 11.98
C HIS B 14 -14.83 -6.12 13.49
N PRO B 15 -15.59 -5.25 14.17
CA PRO B 15 -15.49 -5.19 15.64
C PRO B 15 -15.66 -6.58 16.24
N ALA B 16 -14.81 -6.92 17.20
CA ALA B 16 -14.74 -8.30 17.67
C ALA B 16 -15.93 -8.61 18.56
N GLU B 17 -16.60 -9.72 18.28
CA GLU B 17 -17.72 -10.20 19.08
C GLU B 17 -17.52 -11.71 19.29
N ASN B 18 -17.28 -12.10 20.54
CA ASN B 18 -17.03 -13.51 20.85
C ASN B 18 -18.12 -14.40 20.27
N GLY B 19 -17.71 -15.47 19.59
CA GLY B 19 -18.63 -16.39 18.97
C GLY B 19 -18.99 -16.07 17.54
N LYS B 20 -18.62 -14.89 17.04
CA LYS B 20 -18.98 -14.44 15.70
C LYS B 20 -17.77 -14.48 14.78
N SER B 21 -17.94 -15.07 13.60
CA SER B 21 -16.85 -15.21 12.64
C SER B 21 -16.38 -13.84 12.16
N ASN B 22 -15.09 -13.74 11.87
CA ASN B 22 -14.44 -12.46 11.63
C ASN B 22 -13.22 -12.74 10.75
N PHE B 23 -12.36 -11.74 10.59
CA PHE B 23 -11.08 -11.90 9.91
C PHE B 23 -9.98 -11.35 10.79
N LEU B 24 -8.93 -12.13 10.99
CA LEU B 24 -7.74 -11.69 11.69
C LEU B 24 -6.73 -11.17 10.69
N ASN B 25 -6.26 -9.94 10.89
CA ASN B 25 -5.35 -9.25 9.99
C ASN B 25 -4.03 -8.98 10.67
N CYS B 26 -2.93 -9.18 9.93
CA CYS B 26 -1.63 -8.66 10.32
C CYS B 26 -1.11 -7.84 9.15
N TYR B 27 -0.96 -6.54 9.38
CA TYR B 27 -0.51 -5.60 8.36
C TYR B 27 0.93 -5.23 8.65
N VAL B 28 1.83 -5.53 7.74
CA VAL B 28 3.23 -5.17 7.88
C VAL B 28 3.55 -4.14 6.81
N SER B 29 4.25 -3.08 7.21
CA SER B 29 4.44 -1.98 6.29
C SER B 29 5.74 -1.25 6.64
N GLY B 30 6.15 -0.37 5.72
CA GLY B 30 7.30 0.46 5.94
C GLY B 30 8.64 -0.24 5.88
N PHE B 31 8.72 -1.42 5.28
CA PHE B 31 9.93 -2.22 5.41
C PHE B 31 10.68 -2.35 4.09
N HIS B 32 12.00 -2.55 4.20
CA HIS B 32 12.86 -2.86 3.07
C HIS B 32 14.05 -3.63 3.62
N PRO B 33 14.56 -4.67 2.92
CA PRO B 33 14.08 -5.22 1.66
C PRO B 33 12.76 -5.97 1.80
N SER B 34 12.26 -6.53 0.70
CA SER B 34 10.88 -7.02 0.69
C SER B 34 10.73 -8.42 1.28
N ASP B 35 11.82 -9.18 1.43
CA ASP B 35 11.73 -10.50 2.03
C ASP B 35 11.24 -10.39 3.47
N ILE B 36 10.17 -11.09 3.80
CA ILE B 36 9.63 -11.01 5.15
C ILE B 36 8.87 -12.31 5.45
N GLU B 37 8.87 -12.68 6.72
CA GLU B 37 8.16 -13.87 7.19
C GLU B 37 7.10 -13.45 8.19
N VAL B 38 5.85 -13.86 7.95
CA VAL B 38 4.72 -13.49 8.80
C VAL B 38 3.90 -14.73 9.11
N ASP B 39 3.64 -14.96 10.39
CA ASP B 39 2.76 -16.03 10.85
C ASP B 39 1.66 -15.45 11.72
N LEU B 40 0.45 -15.98 11.57
CA LEU B 40 -0.62 -15.71 12.52
C LEU B 40 -0.67 -16.85 13.52
N LEU B 41 -0.74 -16.52 14.81
CA LEU B 41 -0.65 -17.50 15.87
C LEU B 41 -1.97 -17.58 16.62
N LYS B 42 -2.36 -18.80 16.99
CA LYS B 42 -3.51 -19.02 17.86
C LYS B 42 -3.01 -19.77 19.09
N ASN B 43 -3.03 -19.11 20.25
CA ASN B 43 -2.51 -19.68 21.49
C ASN B 43 -1.07 -20.14 21.31
N GLY B 44 -0.27 -19.34 20.61
CA GLY B 44 1.14 -19.63 20.42
C GLY B 44 1.47 -20.53 19.25
N GLU B 45 0.49 -21.13 18.59
CA GLU B 45 0.73 -22.08 17.52
C GLU B 45 0.33 -21.49 16.18
N ARG B 46 1.06 -21.86 15.14
CA ARG B 46 0.89 -21.27 13.82
C ARG B 46 -0.44 -21.71 13.20
N ILE B 47 -1.23 -20.73 12.75
CA ILE B 47 -2.48 -20.98 12.02
C ILE B 47 -2.14 -21.36 10.60
N GLU B 48 -2.89 -22.33 10.03
CA GLU B 48 -2.36 -23.06 8.89
C GLU B 48 -2.55 -22.32 7.56
N LYS B 49 -3.77 -22.01 7.16
CA LYS B 49 -3.93 -21.64 5.75
C LYS B 49 -4.10 -20.13 5.56
N VAL B 50 -3.09 -19.40 6.00
CA VAL B 50 -3.11 -17.94 5.97
C VAL B 50 -2.79 -17.45 4.56
N GLU B 51 -3.56 -16.49 4.08
CA GLU B 51 -3.34 -15.87 2.78
C GLU B 51 -2.73 -14.48 2.97
N HIS B 52 -2.19 -13.94 1.88
CA HIS B 52 -1.64 -12.58 1.93
C HIS B 52 -1.84 -11.88 0.59
N SER B 53 -1.85 -10.55 0.67
CA SER B 53 -1.98 -9.68 -0.50
C SER B 53 -0.73 -9.78 -1.37
N ASP B 54 -0.85 -9.29 -2.60
CA ASP B 54 0.31 -9.20 -3.46
C ASP B 54 1.19 -8.03 -3.04
N LEU B 55 2.51 -8.24 -3.12
CA LEU B 55 3.48 -7.22 -2.72
C LEU B 55 3.24 -5.90 -3.44
N SER B 56 3.18 -4.82 -2.67
CA SER B 56 3.08 -3.50 -3.24
C SER B 56 3.90 -2.57 -2.35
N PHE B 57 3.90 -1.27 -2.67
CA PHE B 57 4.77 -0.36 -1.95
C PHE B 57 4.20 1.05 -1.97
N SER B 58 4.67 1.87 -1.03
CA SER B 58 4.16 3.20 -0.79
C SER B 58 4.99 4.23 -1.56
N LYS B 59 4.64 5.51 -1.42
CA LYS B 59 5.30 6.55 -2.18
C LYS B 59 6.79 6.61 -1.87
N ASP B 60 7.19 6.29 -0.65
CA ASP B 60 8.59 6.32 -0.26
C ASP B 60 9.29 4.98 -0.54
N TRP B 61 8.67 4.11 -1.34
CA TRP B 61 9.21 2.87 -1.87
C TRP B 61 9.19 1.74 -0.85
N SER B 62 8.85 1.99 0.41
CA SER B 62 8.81 0.91 1.38
C SER B 62 7.61 0.00 1.11
N PHE B 63 7.78 -1.28 1.41
CA PHE B 63 6.81 -2.30 1.04
C PHE B 63 5.72 -2.46 2.11
N TYR B 64 4.58 -3.02 1.69
CA TYR B 64 3.54 -3.40 2.65
C TYR B 64 2.83 -4.68 2.19
N LEU B 65 2.37 -5.45 3.18
CA LEU B 65 1.67 -6.70 2.93
C LEU B 65 0.57 -6.88 3.98
N LEU B 66 -0.54 -7.48 3.56
CA LEU B 66 -1.59 -7.87 4.49
C LEU B 66 -1.65 -9.39 4.54
N TYR B 67 -1.56 -9.95 5.74
CA TYR B 67 -1.76 -11.37 5.99
C TYR B 67 -3.07 -11.54 6.75
N TYR B 68 -3.88 -12.53 6.37
CA TYR B 68 -5.22 -12.59 6.93
C TYR B 68 -5.75 -14.02 6.94
N THR B 69 -6.57 -14.30 7.95
CA THR B 69 -7.29 -15.58 8.02
C THR B 69 -8.63 -15.35 8.69
N GLU B 70 -9.61 -16.17 8.31
CA GLU B 70 -10.87 -16.19 9.02
C GLU B 70 -10.64 -16.69 10.45
N PHE B 71 -11.35 -16.08 11.40
CA PHE B 71 -11.28 -16.57 12.77
C PHE B 71 -12.56 -16.19 13.49
N THR B 72 -12.87 -16.97 14.53
CA THR B 72 -13.98 -16.69 15.41
C THR B 72 -13.43 -16.46 16.81
N PRO B 73 -13.39 -15.21 17.27
CA PRO B 73 -12.78 -14.93 18.57
C PRO B 73 -13.64 -15.44 19.72
N THR B 74 -12.97 -15.63 20.86
CA THR B 74 -13.59 -16.04 22.11
C THR B 74 -12.91 -15.24 23.22
N GLU B 75 -13.40 -15.40 24.45
CA GLU B 75 -12.82 -14.62 25.55
C GLU B 75 -11.44 -15.12 25.92
N LYS B 76 -11.15 -16.40 25.69
CA LYS B 76 -9.92 -17.01 26.20
C LYS B 76 -8.84 -17.21 25.16
N ASP B 77 -9.21 -17.45 23.90
CA ASP B 77 -8.21 -17.71 22.86
C ASP B 77 -7.34 -16.48 22.64
N GLU B 78 -6.03 -16.67 22.60
CA GLU B 78 -5.08 -15.58 22.36
C GLU B 78 -4.56 -15.65 20.94
N TYR B 79 -4.51 -14.50 20.27
CA TYR B 79 -4.04 -14.41 18.89
C TYR B 79 -2.89 -13.43 18.80
N ALA B 80 -1.99 -13.69 17.85
CA ALA B 80 -0.82 -12.85 17.70
C ALA B 80 -0.33 -12.96 16.28
N CYS B 81 0.62 -12.09 15.94
CA CYS B 81 1.30 -12.11 14.66
C CYS B 81 2.80 -12.16 14.92
N ARG B 82 3.49 -13.08 14.24
CA ARG B 82 4.94 -13.23 14.40
C ARG B 82 5.63 -12.83 13.10
N VAL B 83 6.57 -11.89 13.20
CA VAL B 83 7.23 -11.30 12.04
C VAL B 83 8.73 -11.49 12.18
N ASN B 84 9.36 -11.99 11.12
CA ASN B 84 10.81 -11.98 11.01
C ASN B 84 11.25 -11.25 9.75
N HIS B 85 12.35 -10.51 9.87
CA HIS B 85 12.87 -9.64 8.83
C HIS B 85 14.37 -9.48 9.09
N VAL B 86 15.12 -9.15 8.02
CA VAL B 86 16.58 -9.06 8.17
C VAL B 86 16.96 -8.05 9.25
N THR B 87 16.12 -7.05 9.49
CA THR B 87 16.38 -6.02 10.50
C THR B 87 16.14 -6.49 11.93
N LEU B 88 15.50 -7.63 12.13
CA LEU B 88 15.15 -8.10 13.47
C LEU B 88 16.12 -9.19 13.92
N SER B 89 16.72 -9.00 15.10
CA SER B 89 17.62 -10.02 15.62
C SER B 89 16.87 -11.30 15.99
N GLN B 90 15.61 -11.18 16.36
CA GLN B 90 14.74 -12.29 16.68
C GLN B 90 13.34 -11.99 16.16
N PRO B 91 12.51 -13.01 15.96
CA PRO B 91 11.13 -12.76 15.52
C PRO B 91 10.39 -11.88 16.52
N LYS B 92 9.65 -10.90 15.99
CA LYS B 92 8.84 -10.03 16.84
C LYS B 92 7.41 -10.53 16.86
N ILE B 93 6.84 -10.62 18.06
CA ILE B 93 5.47 -11.10 18.27
C ILE B 93 4.65 -9.93 18.77
N VAL B 94 3.54 -9.67 18.08
CA VAL B 94 2.59 -8.63 18.47
C VAL B 94 1.29 -9.33 18.77
N LYS B 95 0.78 -9.13 19.99
CA LYS B 95 -0.48 -9.74 20.41
C LYS B 95 -1.66 -8.99 19.83
N TRP B 96 -2.71 -9.74 19.46
CA TRP B 96 -3.98 -9.12 19.12
C TRP B 96 -4.65 -8.59 20.39
N ASP B 97 -4.96 -7.30 20.39
CA ASP B 97 -5.68 -6.65 21.47
C ASP B 97 -6.91 -6.02 20.85
N ARG B 98 -8.10 -6.50 21.25
CA ARG B 98 -9.31 -6.04 20.57
C ARG B 98 -9.56 -4.55 20.73
N ASP B 99 -8.81 -3.86 21.60
CA ASP B 99 -8.92 -2.41 21.76
C ASP B 99 -7.93 -1.64 20.90
N MET B 100 -7.20 -2.31 20.01
CA MET B 100 -6.26 -1.64 19.12
C MET B 100 -6.41 -2.06 17.65
N ARG C 1 -5.14 0.27 -18.41
CA ARG C 1 -4.33 -0.37 -19.43
C ARG C 1 -2.87 0.06 -19.31
N ARG C 2 -1.94 -0.89 -19.46
CA ARG C 2 -0.53 -0.64 -19.21
C ARG C 2 0.13 0.07 -20.39
N PHE C 3 1.21 0.80 -20.08
CA PHE C 3 2.13 1.33 -21.08
C PHE C 3 2.69 0.16 -21.89
N ARG C 5 4.51 0.38 -25.12
CA ARG C 5 5.56 0.57 -26.11
C ARG C 5 6.64 -0.45 -25.85
N PRO C 7 9.78 -2.04 -24.61
CA PRO C 7 10.35 -1.67 -23.32
C PRO C 7 11.77 -1.16 -23.51
N ILE C 8 12.18 -0.15 -22.75
CA ILE C 8 13.48 0.45 -22.94
C ILE C 8 14.35 0.14 -21.73
N ARG C 9 15.56 -0.30 -21.99
CA ARG C 9 16.42 -0.85 -20.94
C ARG C 9 17.12 0.27 -20.19
N ARG C 10 17.38 0.04 -18.90
CA ARG C 10 18.08 1.03 -18.06
C ARG C 10 19.56 1.04 -18.39
#